data_5QI2
#
_entry.id   5QI2
#
_cell.length_a   34.280
_cell.length_b   41.693
_cell.length_c   111.366
_cell.angle_alpha   90.000
_cell.angle_beta   90.000
_cell.angle_gamma   90.000
#
_symmetry.space_group_name_H-M   'P 21 21 21'
#
loop_
_entity.id
_entity.type
_entity.pdbx_description
1 polymer 'Poly [ADP-ribose] polymerase 14'
2 non-polymer 'CHLORIDE ION'
3 non-polymer 'DIMETHYL SULFOXIDE'
4 non-polymer 1-methyl-3-[3-(2-methylpyrimidin-4-yl)phenyl]urea
5 water water
#
_entity_poly.entity_id   1
_entity_poly.type   'polypeptide(L)'
_entity_poly.pdbx_seq_one_letter_code
;SMFYGTVSSPDSGVYEMKIGSIIFQVASGDITKEEADVIVNSTSNSFNLKAGVSKAILECAGQNVERECSQQAQQRKNDY
IITGGGFLRCKNIIHVIGGNDVKSSVSSVLQECEKKNYSSICLPAIGTGNAKQHPDKVAEAIIDAIEDFVQKGSAQSVKK
VKVVIFLPQVLDVFYANMKKREG
;
_entity_poly.pdbx_strand_id   A
#
loop_
_chem_comp.id
_chem_comp.type
_chem_comp.name
_chem_comp.formula
CL non-polymer 'CHLORIDE ION' 'Cl -1'
DMS non-polymer 'DIMETHYL SULFOXIDE' 'C2 H6 O S'
GUV non-polymer 1-methyl-3-[3-(2-methylpyrimidin-4-yl)phenyl]urea 'C13 H14 N4 O'
#
# COMPACT_ATOMS: atom_id res chain seq x y z
N MET A 2 -5.22 -2.01 -22.40
CA MET A 2 -3.84 -1.72 -22.96
C MET A 2 -2.62 -2.04 -22.07
N PHE A 3 -2.82 -2.58 -20.86
CA PHE A 3 -1.71 -2.74 -19.88
C PHE A 3 -1.67 -4.07 -19.12
N TYR A 4 -2.81 -4.78 -19.01
CA TYR A 4 -2.94 -5.91 -18.09
C TYR A 4 -2.48 -7.24 -18.67
N GLY A 5 -1.65 -7.94 -17.91
CA GLY A 5 -1.30 -9.34 -18.18
C GLY A 5 -2.28 -10.35 -17.60
N THR A 6 -1.83 -11.59 -17.48
CA THR A 6 -2.62 -12.72 -17.01
C THR A 6 -2.47 -12.91 -15.48
N VAL A 7 -3.57 -13.26 -14.81
CA VAL A 7 -3.54 -13.56 -13.37
C VAL A 7 -3.06 -15.01 -13.16
N SER A 8 -2.06 -15.20 -12.30
CA SER A 8 -1.59 -16.55 -11.90
C SER A 8 -1.18 -16.55 -10.44
N SER A 9 -0.86 -17.74 -9.93
CA SER A 9 -0.39 -17.91 -8.57
C SER A 9 1.05 -18.48 -8.51
N PRO A 10 2.07 -17.61 -8.22
CA PRO A 10 3.48 -18.07 -8.24
C PRO A 10 3.88 -18.84 -6.99
N ASP A 11 3.10 -18.68 -5.91
CA ASP A 11 3.32 -19.33 -4.62
C ASP A 11 1.97 -19.51 -3.91
N SER A 12 1.91 -20.45 -2.96
CA SER A 12 0.65 -20.76 -2.27
C SER A 12 0.11 -19.49 -1.63
N GLY A 13 -1.14 -19.17 -1.94
CA GLY A 13 -1.79 -17.97 -1.42
C GLY A 13 -1.35 -16.61 -1.99
N VAL A 14 -0.47 -16.60 -3.00
CA VAL A 14 -0.05 -15.36 -3.65
C VAL A 14 -0.63 -15.34 -5.08
N TYR A 15 -1.22 -14.19 -5.49
CA TYR A 15 -1.75 -14.01 -6.85
C TYR A 15 -1.14 -12.76 -7.46
N GLU A 16 -0.83 -12.85 -8.75
CA GLU A 16 -0.09 -11.77 -9.41
C GLU A 16 -0.56 -11.53 -10.84
N MET A 17 -0.35 -10.29 -11.31
CA MET A 17 -0.51 -9.96 -12.72
C MET A 17 0.37 -8.74 -13.05
N LYS A 18 0.82 -8.68 -14.31
CA LYS A 18 1.50 -7.46 -14.78
C LYS A 18 0.50 -6.33 -15.04
N ILE A 19 0.91 -5.11 -14.67
CA ILE A 19 0.22 -3.87 -15.07
C ILE A 19 1.32 -3.01 -15.73
N GLY A 20 1.40 -3.02 -17.06
CA GLY A 20 2.57 -2.45 -17.73
C GLY A 20 3.87 -3.09 -17.24
N SER A 21 4.85 -2.29 -16.84
CA SER A 21 6.14 -2.78 -16.33
C SER A 21 6.14 -3.22 -14.85
N ILE A 22 5.01 -3.08 -14.16
CA ILE A 22 4.94 -3.38 -12.73
C ILE A 22 4.32 -4.76 -12.49
N ILE A 23 4.92 -5.56 -11.60
N ILE A 23 4.92 -5.54 -11.59
CA ILE A 23 4.25 -6.77 -11.12
CA ILE A 23 4.32 -6.78 -11.08
C ILE A 23 3.41 -6.42 -9.88
C ILE A 23 3.41 -6.40 -9.88
N PHE A 24 2.09 -6.63 -10.02
CA PHE A 24 1.12 -6.37 -8.95
C PHE A 24 0.76 -7.72 -8.28
N GLN A 25 0.91 -7.79 -6.96
CA GLN A 25 0.65 -9.03 -6.22
C GLN A 25 -0.30 -8.76 -5.03
N VAL A 26 -1.09 -9.78 -4.66
CA VAL A 26 -1.89 -9.77 -3.44
C VAL A 26 -1.69 -11.09 -2.67
N ALA A 27 -1.77 -11.00 -1.33
CA ALA A 27 -1.65 -12.17 -0.42
C ALA A 27 -2.28 -11.80 0.92
N SER A 28 -2.70 -12.78 1.71
N SER A 28 -2.68 -12.78 1.72
CA SER A 28 -3.12 -12.51 3.09
CA SER A 28 -3.12 -12.53 3.08
C SER A 28 -1.92 -12.75 4.00
C SER A 28 -1.95 -12.79 4.03
N GLY A 29 -1.90 -12.07 5.15
CA GLY A 29 -0.85 -12.26 6.17
C GLY A 29 -0.57 -11.02 7.00
N ASP A 30 0.53 -11.05 7.74
CA ASP A 30 0.98 -9.98 8.63
C ASP A 30 2.00 -9.06 7.89
N ILE A 31 1.55 -7.85 7.56
CA ILE A 31 2.38 -6.89 6.81
C ILE A 31 3.69 -6.51 7.56
N THR A 32 3.68 -6.59 8.91
CA THR A 32 4.86 -6.18 9.69
C THR A 32 6.04 -7.14 9.54
N LYS A 33 5.81 -8.31 8.91
CA LYS A 33 6.83 -9.32 8.65
C LYS A 33 7.42 -9.20 7.22
N GLU A 34 6.90 -8.29 6.40
CA GLU A 34 7.36 -8.09 5.02
C GLU A 34 8.64 -7.27 4.92
N GLU A 35 9.40 -7.50 3.85
CA GLU A 35 10.54 -6.66 3.46
C GLU A 35 10.22 -5.94 2.13
N ALA A 36 10.42 -4.62 2.08
CA ALA A 36 10.19 -3.83 0.85
C ALA A 36 10.91 -2.51 1.04
N ASP A 37 11.17 -1.76 -0.03
CA ASP A 37 11.74 -0.42 0.15
C ASP A 37 10.81 0.48 0.99
N VAL A 38 9.50 0.46 0.66
CA VAL A 38 8.49 1.19 1.43
C VAL A 38 7.39 0.24 1.90
N ILE A 39 7.02 0.39 3.19
CA ILE A 39 5.78 -0.18 3.76
C ILE A 39 4.81 0.98 4.04
N VAL A 40 3.54 0.81 3.65
CA VAL A 40 2.51 1.82 3.88
C VAL A 40 1.70 1.48 5.15
N ASN A 41 1.45 2.52 5.97
CA ASN A 41 0.54 2.45 7.14
C ASN A 41 -0.75 3.19 6.83
N SER A 42 -1.91 2.61 7.16
CA SER A 42 -3.24 3.24 7.02
C SER A 42 -3.68 3.74 8.40
N THR A 43 -3.57 5.05 8.62
CA THR A 43 -3.72 5.66 9.95
C THR A 43 -4.80 6.75 9.91
N SER A 44 -4.87 7.50 11.01
CA SER A 44 -5.81 8.62 11.17
C SER A 44 -5.17 9.94 10.72
N ASN A 45 -5.97 11.01 10.71
CA ASN A 45 -5.44 12.33 10.32
C ASN A 45 -4.47 12.96 11.36
N SER A 46 -4.34 12.33 12.54
CA SER A 46 -3.34 12.68 13.57
C SER A 46 -2.10 11.81 13.61
N PHE A 47 -2.05 10.81 12.72
CA PHE A 47 -0.89 9.95 12.54
C PHE A 47 -0.48 9.20 13.83
N ASN A 48 -1.51 8.82 14.63
CA ASN A 48 -1.30 8.14 15.94
C ASN A 48 -2.39 7.09 16.23
N LEU A 49 -3.06 6.59 15.21
CA LEU A 49 -3.98 5.46 15.38
C LEU A 49 -3.14 4.27 15.83
N LYS A 50 -3.66 3.52 16.81
CA LYS A 50 -3.07 2.25 17.16
C LYS A 50 -4.20 1.24 17.31
N ALA A 51 -4.85 0.97 16.19
CA ALA A 51 -5.98 0.02 16.12
C ALA A 51 -5.92 -0.62 14.73
N GLY A 52 -6.18 -1.93 14.67
CA GLY A 52 -6.05 -2.69 13.42
C GLY A 52 -4.61 -2.74 12.97
N VAL A 53 -4.37 -2.69 11.66
N VAL A 53 -4.38 -2.66 11.67
CA VAL A 53 -3.00 -2.86 11.15
CA VAL A 53 -3.03 -2.84 11.14
C VAL A 53 -2.04 -1.77 11.72
C VAL A 53 -2.05 -1.74 11.63
N SER A 54 -2.56 -0.54 11.93
CA SER A 54 -1.73 0.54 12.53
C SER A 54 -1.15 0.22 13.90
N LYS A 55 -1.91 -0.50 14.72
CA LYS A 55 -1.39 -0.95 16.02
C LYS A 55 -0.13 -1.77 15.82
N ALA A 56 -0.22 -2.78 14.95
CA ALA A 56 0.91 -3.66 14.65
C ALA A 56 2.09 -2.91 14.04
N ILE A 57 1.83 -2.02 13.08
CA ILE A 57 2.89 -1.21 12.47
C ILE A 57 3.62 -0.31 13.50
N LEU A 58 2.86 0.47 14.29
CA LEU A 58 3.53 1.36 15.29
C LEU A 58 4.28 0.60 16.39
N GLU A 59 3.69 -0.51 16.86
CA GLU A 59 4.34 -1.36 17.87
C GLU A 59 5.66 -1.97 17.36
N CYS A 60 5.61 -2.51 16.13
N CYS A 60 5.62 -2.53 16.16
CA CYS A 60 6.80 -3.18 15.59
CA CYS A 60 6.82 -3.15 15.60
C CYS A 60 7.87 -2.18 15.09
C CYS A 60 7.89 -2.11 15.21
N ALA A 61 7.45 -1.00 14.59
CA ALA A 61 8.37 0.06 14.16
C ALA A 61 9.16 0.68 15.32
N GLY A 62 8.45 0.94 16.43
CA GLY A 62 9.06 1.38 17.69
C GLY A 62 8.81 2.85 18.01
N GLN A 63 9.25 3.25 19.20
CA GLN A 63 8.93 4.57 19.72
C GLN A 63 9.59 5.74 18.97
N ASN A 64 10.76 5.53 18.38
CA ASN A 64 11.40 6.59 17.57
C ASN A 64 10.51 6.96 16.35
N VAL A 65 9.89 5.98 15.71
CA VAL A 65 8.93 6.25 14.61
C VAL A 65 7.65 6.95 15.10
N GLU A 66 7.13 6.54 16.27
CA GLU A 66 5.98 7.22 16.86
C GLU A 66 6.29 8.68 17.11
N ARG A 67 7.48 8.95 17.67
CA ARG A 67 7.97 10.31 17.87
C ARG A 67 8.16 11.11 16.56
N GLU A 68 8.70 10.48 15.52
CA GLU A 68 8.77 11.13 14.18
C GLU A 68 7.37 11.55 13.69
N CYS A 69 6.38 10.67 13.86
CA CYS A 69 5.00 10.98 13.43
C CYS A 69 4.39 12.19 14.16
N SER A 70 4.50 12.23 15.48
CA SER A 70 3.90 13.34 16.24
C SER A 70 4.66 14.64 16.02
N GLN A 71 5.98 14.56 15.80
CA GLN A 71 6.81 15.74 15.51
C GLN A 71 6.37 16.38 14.19
N GLN A 72 6.22 15.57 13.14
CA GLN A 72 5.76 16.08 11.85
C GLN A 72 4.31 16.58 11.87
N ALA A 73 3.41 15.89 12.60
CA ALA A 73 1.99 16.26 12.65
C ALA A 73 1.74 17.67 13.21
N GLN A 74 2.55 18.07 14.17
CA GLN A 74 2.46 19.41 14.76
C GLN A 74 3.08 20.55 13.92
N GLN A 75 3.89 20.21 12.91
CA GLN A 75 4.62 21.21 12.10
C GLN A 75 3.81 21.84 10.95
N ARG A 76 2.92 21.07 10.34
CA ARG A 76 2.07 21.54 9.23
C ARG A 76 0.87 20.61 9.09
N LYS A 77 -0.11 21.00 8.26
CA LYS A 77 -1.22 20.11 7.88
C LYS A 77 -0.74 19.16 6.77
N ASN A 78 -0.58 17.87 7.09
CA ASN A 78 -0.09 16.85 6.15
C ASN A 78 -1.23 15.96 5.62
N ASP A 79 -1.25 15.69 4.31
CA ASP A 79 -2.10 14.64 3.73
C ASP A 79 -1.53 13.22 3.99
N TYR A 80 -0.21 13.13 4.13
CA TYR A 80 0.53 11.89 4.46
C TYR A 80 1.91 12.30 5.01
N ILE A 81 2.58 11.39 5.71
CA ILE A 81 3.93 11.66 6.21
C ILE A 81 4.87 10.48 5.89
N ILE A 82 6.16 10.83 5.70
CA ILE A 82 7.22 9.85 5.45
C ILE A 82 8.16 9.82 6.67
N THR A 83 8.36 8.64 7.27
CA THR A 83 9.29 8.43 8.39
C THR A 83 10.31 7.34 8.03
N GLY A 84 11.28 7.19 8.89
CA GLY A 84 12.10 6.01 8.91
C GLY A 84 11.31 4.71 9.10
N GLY A 85 11.97 3.57 8.86
CA GLY A 85 11.39 2.24 9.04
C GLY A 85 11.42 1.68 10.45
N GLY A 86 12.25 2.27 11.31
CA GLY A 86 12.40 1.78 12.68
C GLY A 86 12.84 0.34 12.61
N PHE A 87 12.19 -0.52 13.41
CA PHE A 87 12.46 -1.95 13.35
C PHE A 87 11.62 -2.80 12.36
N LEU A 88 10.91 -2.14 11.43
CA LEU A 88 10.39 -2.83 10.27
C LEU A 88 11.49 -3.02 9.21
N ARG A 89 11.31 -4.01 8.34
CA ARG A 89 12.27 -4.33 7.26
C ARG A 89 11.97 -3.50 6.01
N CYS A 90 12.19 -2.20 6.13
CA CYS A 90 11.99 -1.27 5.03
C CYS A 90 12.91 -0.06 5.21
N LYS A 91 13.06 0.73 4.15
CA LYS A 91 13.83 1.97 4.16
C LYS A 91 13.01 3.16 4.69
N ASN A 92 11.72 3.21 4.35
CA ASN A 92 10.81 4.24 4.87
C ASN A 92 9.42 3.64 5.07
N ILE A 93 8.68 4.22 6.01
CA ILE A 93 7.20 4.01 6.12
C ILE A 93 6.52 5.27 5.59
N ILE A 94 5.52 5.07 4.71
CA ILE A 94 4.64 6.20 4.31
C ILE A 94 3.28 5.98 5.00
N HIS A 95 2.93 6.93 5.87
CA HIS A 95 1.68 6.89 6.66
C HIS A 95 0.62 7.71 5.94
N VAL A 96 -0.39 7.03 5.38
CA VAL A 96 -1.51 7.66 4.68
C VAL A 96 -2.75 7.67 5.58
N ILE A 97 -3.71 8.55 5.29
CA ILE A 97 -4.93 8.68 6.10
C ILE A 97 -5.99 7.71 5.52
N GLY A 98 -6.42 6.74 6.32
CA GLY A 98 -7.37 5.72 5.89
C GLY A 98 -8.68 6.25 5.31
N GLY A 99 -9.16 7.38 5.84
CA GLY A 99 -10.43 7.98 5.36
C GLY A 99 -10.31 8.81 4.09
N ASN A 100 -9.08 9.11 3.64
CA ASN A 100 -8.90 9.90 2.41
C ASN A 100 -9.21 9.05 1.15
N ASP A 101 -9.35 9.75 0.03
N ASP A 101 -9.39 9.74 0.02
CA ASP A 101 -9.51 9.12 -1.27
CA ASP A 101 -9.52 9.12 -1.31
C ASP A 101 -8.32 8.16 -1.50
C ASP A 101 -8.34 8.17 -1.55
N VAL A 102 -8.63 6.87 -1.68
CA VAL A 102 -7.58 5.84 -1.76
C VAL A 102 -6.75 5.95 -3.04
N LYS A 103 -7.40 6.28 -4.18
CA LYS A 103 -6.65 6.44 -5.42
C LYS A 103 -5.59 7.56 -5.27
N SER A 104 -6.00 8.70 -4.67
N SER A 104 -6.00 8.69 -4.66
CA SER A 104 -5.06 9.82 -4.40
CA SER A 104 -5.07 9.78 -4.42
C SER A 104 -3.89 9.38 -3.50
C SER A 104 -3.89 9.37 -3.51
N SER A 105 -4.21 8.65 -2.43
CA SER A 105 -3.16 8.19 -1.50
C SER A 105 -2.13 7.28 -2.21
N VAL A 106 -2.62 6.30 -3.00
CA VAL A 106 -1.71 5.38 -3.68
C VAL A 106 -0.89 6.14 -4.76
N SER A 107 -1.52 7.07 -5.48
CA SER A 107 -0.76 7.90 -6.45
C SER A 107 0.40 8.64 -5.76
N SER A 108 0.14 9.20 -4.58
CA SER A 108 1.19 9.87 -3.81
C SER A 108 2.34 8.93 -3.39
N VAL A 109 1.98 7.73 -2.90
CA VAL A 109 2.99 6.72 -2.55
C VAL A 109 3.90 6.39 -3.75
N LEU A 110 3.28 6.15 -4.92
CA LEU A 110 4.03 5.79 -6.14
C LEU A 110 5.03 6.92 -6.52
N GLN A 111 4.55 8.17 -6.50
CA GLN A 111 5.38 9.32 -6.84
C GLN A 111 6.56 9.50 -5.87
N GLU A 112 6.29 9.33 -4.56
CA GLU A 112 7.37 9.43 -3.57
C GLU A 112 8.42 8.32 -3.74
N CYS A 113 7.98 7.11 -4.11
CA CYS A 113 8.92 6.00 -4.36
C CYS A 113 9.79 6.27 -5.60
N GLU A 114 9.24 6.82 -6.68
CA GLU A 114 10.08 7.22 -7.83
C GLU A 114 11.10 8.29 -7.47
N LYS A 115 10.72 9.25 -6.63
CA LYS A 115 11.64 10.30 -6.18
C LYS A 115 12.88 9.72 -5.45
N LYS A 116 12.68 8.59 -4.74
CA LYS A 116 13.78 7.94 -4.02
C LYS A 116 14.46 6.79 -4.82
N ASN A 117 14.04 6.58 -6.09
CA ASN A 117 14.54 5.48 -6.91
C ASN A 117 14.30 4.09 -6.27
N TYR A 118 13.18 3.96 -5.57
CA TYR A 118 12.80 2.66 -4.96
C TYR A 118 12.12 1.73 -5.96
N SER A 119 12.30 0.43 -5.73
CA SER A 119 11.77 -0.61 -6.61
C SER A 119 10.56 -1.39 -6.06
N SER A 120 10.42 -1.50 -4.73
CA SER A 120 9.35 -2.34 -4.15
C SER A 120 8.54 -1.60 -3.07
N ILE A 121 7.23 -1.89 -3.09
CA ILE A 121 6.23 -1.29 -2.18
C ILE A 121 5.37 -2.41 -1.61
N CYS A 122 5.03 -2.34 -0.31
N CYS A 122 5.05 -2.33 -0.31
CA CYS A 122 4.03 -3.23 0.29
CA CYS A 122 4.05 -3.19 0.33
C CYS A 122 3.01 -2.36 1.04
C CYS A 122 3.00 -2.30 1.00
N LEU A 123 1.72 -2.60 0.78
CA LEU A 123 0.64 -1.80 1.40
C LEU A 123 -0.45 -2.73 1.94
N PRO A 124 -1.25 -2.25 2.92
CA PRO A 124 -2.44 -2.97 3.36
C PRO A 124 -3.64 -2.59 2.46
N ALA A 125 -4.82 -3.18 2.73
CA ALA A 125 -6.07 -2.76 2.08
C ALA A 125 -6.52 -1.42 2.72
N ILE A 126 -5.85 -0.34 2.30
CA ILE A 126 -5.98 1.01 2.88
C ILE A 126 -7.45 1.39 3.02
N GLY A 127 -7.84 1.84 4.22
CA GLY A 127 -9.21 2.36 4.46
C GLY A 127 -10.23 1.32 4.89
N THR A 128 -9.88 0.02 4.86
CA THR A 128 -10.86 -1.03 5.18
C THR A 128 -10.96 -1.37 6.67
N GLY A 129 -10.08 -0.78 7.48
CA GLY A 129 -10.08 -0.97 8.95
C GLY A 129 -10.91 0.10 9.64
N ASN A 130 -10.31 0.92 10.50
CA ASN A 130 -11.02 1.96 11.28
C ASN A 130 -11.85 2.92 10.39
N ALA A 131 -11.36 3.24 9.19
CA ALA A 131 -12.07 4.14 8.28
C ALA A 131 -13.38 3.55 7.67
N LYS A 132 -13.49 2.22 7.67
CA LYS A 132 -14.70 1.53 7.23
C LYS A 132 -15.14 1.93 5.80
N GLN A 133 -14.15 2.08 4.89
CA GLN A 133 -14.42 2.11 3.45
C GLN A 133 -14.67 0.67 2.94
N HIS A 134 -15.54 0.55 1.94
CA HIS A 134 -15.94 -0.76 1.43
C HIS A 134 -14.79 -1.45 0.64
N PRO A 135 -14.52 -2.74 0.93
CA PRO A 135 -13.40 -3.45 0.26
C PRO A 135 -13.40 -3.43 -1.28
N ASP A 136 -14.55 -3.58 -1.93
CA ASP A 136 -14.62 -3.48 -3.39
C ASP A 136 -14.18 -2.13 -3.96
N LYS A 137 -14.64 -1.05 -3.32
CA LYS A 137 -14.25 0.31 -3.73
C LYS A 137 -12.74 0.53 -3.50
N VAL A 138 -12.19 0.02 -2.39
CA VAL A 138 -10.77 0.14 -2.09
C VAL A 138 -9.93 -0.63 -3.13
N ALA A 139 -10.31 -1.88 -3.46
CA ALA A 139 -9.55 -2.65 -4.49
C ALA A 139 -9.57 -1.92 -5.86
N GLU A 140 -10.74 -1.42 -6.25
CA GLU A 140 -10.87 -0.72 -7.54
C GLU A 140 -9.93 0.52 -7.57
N ALA A 141 -9.88 1.27 -6.46
CA ALA A 141 -9.06 2.48 -6.35
C ALA A 141 -7.56 2.21 -6.38
N ILE A 142 -7.11 1.20 -5.63
CA ILE A 142 -5.68 0.84 -5.62
C ILE A 142 -5.20 0.47 -7.05
N ILE A 143 -5.96 -0.42 -7.72
CA ILE A 143 -5.55 -0.88 -9.03
C ILE A 143 -5.66 0.27 -10.07
N ASP A 144 -6.71 1.09 -9.97
CA ASP A 144 -6.82 2.28 -10.86
C ASP A 144 -5.60 3.22 -10.71
N ALA A 145 -5.12 3.44 -9.47
CA ALA A 145 -3.96 4.32 -9.28
C ALA A 145 -2.72 3.79 -10.03
N ILE A 146 -2.50 2.47 -9.95
CA ILE A 146 -1.35 1.85 -10.60
C ILE A 146 -1.50 1.97 -12.13
N GLU A 147 -2.71 1.68 -12.65
CA GLU A 147 -2.97 1.82 -14.09
C GLU A 147 -2.67 3.24 -14.59
N ASP A 148 -3.15 4.25 -13.87
N ASP A 148 -3.14 4.24 -13.85
CA ASP A 148 -2.93 5.65 -14.26
CA ASP A 148 -2.92 5.64 -14.24
C ASP A 148 -1.43 6.01 -14.27
C ASP A 148 -1.43 6.01 -14.24
N PHE A 149 -0.70 5.56 -13.25
N PHE A 149 -0.69 5.54 -13.23
CA PHE A 149 0.75 5.80 -13.10
CA PHE A 149 0.75 5.81 -13.13
C PHE A 149 1.52 5.22 -14.30
C PHE A 149 1.49 5.25 -14.34
N VAL A 150 1.17 4.00 -14.69
CA VAL A 150 1.75 3.34 -15.89
C VAL A 150 1.36 4.04 -17.20
N GLN A 151 0.08 4.41 -17.34
CA GLN A 151 -0.42 5.08 -18.55
C GLN A 151 0.32 6.41 -18.81
N LYS A 152 0.65 7.13 -17.73
CA LYS A 152 1.34 8.41 -17.84
C LYS A 152 2.86 8.27 -18.09
N GLY A 153 3.37 7.04 -18.15
CA GLY A 153 4.79 6.79 -18.36
C GLY A 153 5.65 7.08 -17.14
N SER A 154 5.06 7.04 -15.94
CA SER A 154 5.76 7.48 -14.71
C SER A 154 6.55 6.35 -14.03
N ALA A 155 6.27 5.09 -14.38
CA ALA A 155 6.96 3.96 -13.74
C ALA A 155 8.33 3.82 -14.40
N GLN A 156 9.38 3.99 -13.62
CA GLN A 156 10.77 3.83 -14.06
C GLN A 156 11.55 2.96 -13.05
N SER A 157 11.66 3.43 -11.81
N SER A 157 11.66 3.43 -11.81
CA SER A 157 12.28 2.62 -10.74
CA SER A 157 12.28 2.63 -10.75
C SER A 157 11.32 1.58 -10.12
C SER A 157 11.32 1.60 -10.12
N VAL A 158 10.03 1.92 -9.98
CA VAL A 158 9.07 1.01 -9.30
C VAL A 158 8.79 -0.22 -10.18
N LYS A 159 9.04 -1.41 -9.62
CA LYS A 159 8.87 -2.68 -10.32
C LYS A 159 7.88 -3.66 -9.67
N LYS A 160 7.60 -3.52 -8.36
CA LYS A 160 6.77 -4.48 -7.65
C LYS A 160 5.91 -3.76 -6.62
N VAL A 161 4.59 -4.01 -6.67
CA VAL A 161 3.63 -3.44 -5.71
C VAL A 161 2.81 -4.62 -5.15
N LYS A 162 2.92 -4.86 -3.84
CA LYS A 162 2.26 -6.00 -3.18
C LYS A 162 1.28 -5.51 -2.11
N VAL A 163 0.03 -6.00 -2.15
CA VAL A 163 -0.95 -5.72 -1.09
C VAL A 163 -1.01 -6.94 -0.17
N VAL A 164 -0.62 -6.76 1.10
CA VAL A 164 -0.69 -7.84 2.13
C VAL A 164 -1.89 -7.48 3.03
N ILE A 165 -2.87 -8.39 3.06
CA ILE A 165 -4.22 -8.13 3.51
C ILE A 165 -4.48 -8.97 4.78
N PHE A 166 -4.95 -8.33 5.85
CA PHE A 166 -5.14 -9.00 7.13
C PHE A 166 -6.23 -10.12 7.09
N LEU A 167 -7.40 -9.79 6.50
CA LEU A 167 -8.53 -10.74 6.42
C LEU A 167 -8.61 -11.50 5.07
N PRO A 168 -8.57 -12.85 5.12
CA PRO A 168 -8.78 -13.62 3.88
C PRO A 168 -9.99 -13.22 3.06
N GLN A 169 -11.09 -12.84 3.70
CA GLN A 169 -12.29 -12.45 2.94
C GLN A 169 -12.08 -11.18 2.09
N VAL A 170 -11.19 -10.29 2.53
CA VAL A 170 -10.85 -9.10 1.75
C VAL A 170 -9.93 -9.48 0.55
N LEU A 171 -9.01 -10.41 0.76
N LEU A 171 -9.01 -10.43 0.76
CA LEU A 171 -8.19 -10.94 -0.34
CA LEU A 171 -8.18 -10.97 -0.33
C LEU A 171 -9.09 -11.44 -1.48
C LEU A 171 -9.05 -11.50 -1.48
N ASP A 172 -10.16 -12.16 -1.16
CA ASP A 172 -11.07 -12.68 -2.19
C ASP A 172 -11.64 -11.57 -3.11
N VAL A 173 -11.97 -10.42 -2.51
CA VAL A 173 -12.47 -9.26 -3.25
C VAL A 173 -11.40 -8.67 -4.22
N PHE A 174 -10.15 -8.59 -3.75
CA PHE A 174 -9.04 -8.15 -4.61
C PHE A 174 -8.82 -9.10 -5.79
N TYR A 175 -8.81 -10.41 -5.53
N TYR A 175 -8.85 -10.41 -5.52
CA TYR A 175 -8.63 -11.41 -6.63
CA TYR A 175 -8.71 -11.43 -6.56
C TYR A 175 -9.74 -11.25 -7.69
C TYR A 175 -9.74 -11.30 -7.66
N ALA A 176 -10.99 -11.09 -7.27
CA ALA A 176 -12.09 -10.92 -8.23
C ALA A 176 -11.89 -9.66 -9.11
N ASN A 177 -11.39 -8.58 -8.49
CA ASN A 177 -11.13 -7.34 -9.25
C ASN A 177 -10.02 -7.54 -10.31
N MET A 178 -8.95 -8.24 -9.91
CA MET A 178 -7.87 -8.62 -10.86
C MET A 178 -8.42 -9.43 -12.06
N LYS A 179 -9.28 -10.42 -11.78
CA LYS A 179 -9.85 -11.26 -12.85
C LYS A 179 -10.76 -10.43 -13.80
N LYS A 180 -11.44 -9.43 -13.26
CA LYS A 180 -12.27 -8.53 -14.09
C LYS A 180 -11.39 -7.81 -15.12
N ARG A 181 -10.19 -7.40 -14.70
CA ARG A 181 -9.29 -6.62 -15.57
C ARG A 181 -8.43 -7.42 -16.52
N GLU A 182 -8.27 -8.72 -16.29
CA GLU A 182 -7.19 -9.47 -16.92
C GLU A 182 -7.21 -9.49 -18.44
N GLY A 183 -6.04 -9.50 -19.07
CA GLY A 183 -5.91 -9.43 -20.51
C GLY A 183 -6.29 -10.73 -21.20
CL CL B . -8.14 2.19 7.89
CL CL C . -5.56 -4.98 5.48
S DMS D . -12.86 10.11 -0.21
O DMS D . -13.05 11.01 0.97
C1 DMS D . -13.13 8.51 0.32
C2 DMS D . -14.14 10.32 -1.30
N1 GUV E . -3.04 -6.58 14.14
N3 GUV E . -7.67 -4.08 8.84
C4 GUV E . -4.09 -6.27 12.01
C5 GUV E . -5.30 -6.11 12.66
C6 GUV E . -6.57 -5.84 11.93
C7 GUV E . -7.80 -6.30 12.39
C8 GUV E . -8.98 -6.03 11.71
C10 GUV E . -7.74 -4.83 10.05
C13 GUV E . -6.15 -1.34 6.93
C1 GUV E . -4.33 -6.47 16.19
C2 GUV E . -4.25 -6.40 14.69
C3 GUV E . -2.97 -6.50 12.80
N2 GUV E . -5.38 -6.18 14.01
C9 GUV E . -8.95 -5.31 10.53
C11 GUV E . -6.56 -5.11 10.74
C12 GUV E . -7.01 -2.88 8.66
O1 GUV E . -6.58 -2.22 9.61
N4 GUV E . -6.87 -2.53 7.38
#